data_4QJI
#
_entry.id   4QJI
#
_cell.length_a   90.580
_cell.length_b   90.580
_cell.length_c   109.570
_cell.angle_alpha   90.000
_cell.angle_beta   90.000
_cell.angle_gamma   120.000
#
_symmetry.space_group_name_H-M   'P 65'
#
loop_
_entity.id
_entity.type
_entity.pdbx_description
1 polymer 'Phosphopantothenate--cysteine ligase'
2 non-polymer "CYTIDINE-5'-TRIPHOSPHATE"
3 non-polymer 'MAGNESIUM ION'
4 water water
#
_entity_poly.entity_id   1
_entity_poly.type   'polypeptide(L)'
_entity_poly.pdbx_seq_one_letter_code
;MAHHHHHHDMAGVKALVTAGGTREPLDPVRFIGNRSSGKQGYAVARVLAQRGADVTLIAGNTAGLIDPAGVEMVHIGSAT
QLRDAVSKHAPDANVLVMAAAVADFRPAHVAAAKIKKGASEPSSIDLVRNDDVLAGAVRARADGQLPNMRAIVGFAAETG
DANGDVLFHARAKLERKGCDLLVVNAVGENRAFEVDHNDGWLLSADGTESALEHGSKTLMATRIVDSIAAFLKSQDG
;
_entity_poly.pdbx_strand_id   A,B
#
loop_
_chem_comp.id
_chem_comp.type
_chem_comp.name
_chem_comp.formula
CTP non-polymer CYTIDINE-5'-TRIPHOSPHATE 'C9 H16 N3 O14 P3'
MG non-polymer 'MAGNESIUM ION' 'Mg 2'
#
# COMPACT_ATOMS: atom_id res chain seq x y z
N HIS A 7 15.24 -21.24 -24.13
CA HIS A 7 16.17 -22.10 -23.40
C HIS A 7 15.99 -21.94 -21.89
N HIS A 8 16.99 -21.38 -21.23
CA HIS A 8 16.99 -21.32 -19.77
C HIS A 8 17.30 -19.92 -19.25
N ASP A 9 16.38 -18.99 -19.47
CA ASP A 9 16.46 -17.65 -18.90
C ASP A 9 16.76 -17.66 -17.40
N MET A 10 16.09 -18.54 -16.67
CA MET A 10 16.04 -18.47 -15.22
C MET A 10 17.06 -19.36 -14.50
N ALA A 11 18.17 -19.66 -15.17
CA ALA A 11 19.15 -20.63 -14.66
C ALA A 11 19.59 -20.37 -13.23
N GLY A 12 19.92 -19.12 -12.92
CA GLY A 12 20.41 -18.74 -11.60
C GLY A 12 19.35 -18.21 -10.66
N VAL A 13 18.10 -18.23 -11.09
CA VAL A 13 17.03 -17.57 -10.35
C VAL A 13 16.31 -18.48 -9.36
N LYS A 14 16.37 -18.11 -8.09
CA LYS A 14 15.59 -18.79 -7.05
C LYS A 14 14.20 -18.15 -6.94
N ALA A 15 13.18 -18.90 -7.31
CA ALA A 15 11.83 -18.36 -7.34
C ALA A 15 10.93 -18.97 -6.26
N LEU A 16 10.17 -18.11 -5.59
CA LEU A 16 9.20 -18.54 -4.59
C LEU A 16 7.78 -18.26 -5.06
N VAL A 17 6.99 -19.31 -5.22
CA VAL A 17 5.64 -19.16 -5.74
C VAL A 17 4.58 -19.65 -4.76
N THR A 18 3.55 -18.83 -4.55
CA THR A 18 2.39 -19.26 -3.78
C THR A 18 1.22 -19.47 -4.73
N ALA A 19 0.36 -20.42 -4.39
CA ALA A 19 -0.76 -20.76 -5.27
C ALA A 19 -1.90 -21.43 -4.51
N GLY A 20 -3.10 -21.36 -5.06
CA GLY A 20 -4.27 -21.94 -4.44
C GLY A 20 -4.88 -20.99 -3.43
N GLY A 21 -5.96 -21.42 -2.80
CA GLY A 21 -6.62 -20.60 -1.80
C GLY A 21 -6.36 -21.13 -0.40
N THR A 22 -6.38 -20.24 0.59
CA THR A 22 -6.20 -20.64 1.98
C THR A 22 -7.55 -21.00 2.58
N ARG A 23 -7.52 -21.72 3.70
CA ARG A 23 -8.74 -22.13 4.39
CA ARG A 23 -8.74 -22.12 4.38
C ARG A 23 -8.65 -21.81 5.87
N GLU A 24 -9.59 -21.00 6.35
CA GLU A 24 -9.58 -20.56 7.74
C GLU A 24 -10.63 -21.32 8.54
N PRO A 25 -10.17 -22.17 9.47
CA PRO A 25 -11.05 -23.12 10.16
C PRO A 25 -11.93 -22.50 11.25
N LEU A 26 -13.22 -22.84 11.20
CA LEU A 26 -14.14 -22.58 12.32
C LEU A 26 -13.93 -23.64 13.40
N ASP A 27 -13.65 -24.86 12.94
CA ASP A 27 -13.47 -26.01 13.79
C ASP A 27 -12.69 -27.05 12.97
N PRO A 28 -12.37 -28.22 13.55
CA PRO A 28 -11.66 -29.22 12.73
C PRO A 28 -12.34 -29.59 11.40
N VAL A 29 -13.67 -29.48 11.33
CA VAL A 29 -14.39 -29.89 10.13
C VAL A 29 -14.65 -28.77 9.12
N ARG A 30 -15.10 -27.61 9.61
CA ARG A 30 -15.54 -26.54 8.71
C ARG A 30 -14.53 -25.39 8.62
N PHE A 31 -14.65 -24.59 7.57
CA PHE A 31 -13.72 -23.49 7.34
C PHE A 31 -14.30 -22.41 6.42
N ILE A 32 -13.57 -21.30 6.30
CA ILE A 32 -13.89 -20.25 5.33
C ILE A 32 -12.89 -20.28 4.18
N GLY A 33 -13.39 -20.42 2.96
CA GLY A 33 -12.53 -20.52 1.78
C GLY A 33 -13.02 -19.76 0.56
N ASN A 34 -12.25 -19.86 -0.52
CA ASN A 34 -12.61 -19.24 -1.80
C ASN A 34 -12.47 -20.25 -2.94
N ARG A 35 -12.79 -19.82 -4.16
CA ARG A 35 -12.89 -20.75 -5.29
C ARG A 35 -11.60 -20.94 -6.07
N SER A 36 -10.49 -20.45 -5.54
CA SER A 36 -9.21 -20.57 -6.23
C SER A 36 -8.79 -22.01 -6.49
N SER A 37 -8.42 -22.30 -7.74
CA SER A 37 -7.97 -23.63 -8.12
C SER A 37 -6.47 -23.80 -7.88
N GLY A 38 -5.72 -22.73 -8.13
CA GLY A 38 -4.28 -22.76 -7.99
C GLY A 38 -3.61 -23.25 -9.26
N LYS A 39 -4.41 -23.50 -10.28
CA LYS A 39 -3.92 -24.00 -11.57
C LYS A 39 -2.94 -23.03 -12.22
N GLN A 40 -3.25 -21.75 -12.13
CA GLN A 40 -2.43 -20.73 -12.76
C GLN A 40 -1.07 -20.63 -12.08
N GLY A 41 -1.06 -20.71 -10.76
CA GLY A 41 0.18 -20.67 -10.00
C GLY A 41 1.05 -21.88 -10.23
N TYR A 42 0.41 -23.06 -10.30
CA TYR A 42 1.12 -24.29 -10.62
C TYR A 42 1.76 -24.21 -12.01
N ALA A 43 1.01 -23.67 -12.96
CA ALA A 43 1.50 -23.50 -14.33
C ALA A 43 2.72 -22.59 -14.37
N VAL A 44 2.69 -21.51 -13.60
CA VAL A 44 3.79 -20.57 -13.53
C VAL A 44 5.00 -21.26 -12.91
N ALA A 45 4.72 -22.09 -11.91
CA ALA A 45 5.77 -22.85 -11.22
C ALA A 45 6.49 -23.77 -12.19
N ARG A 46 5.73 -24.45 -13.05
CA ARG A 46 6.31 -25.39 -14.00
C ARG A 46 7.15 -24.70 -15.06
N VAL A 47 6.64 -23.60 -15.59
CA VAL A 47 7.33 -22.85 -16.63
C VAL A 47 8.66 -22.29 -16.12
N LEU A 48 8.64 -21.75 -14.91
CA LEU A 48 9.86 -21.26 -14.27
C LEU A 48 10.90 -22.36 -14.12
N ALA A 49 10.47 -23.50 -13.58
CA ALA A 49 11.35 -24.64 -13.37
C ALA A 49 11.89 -25.20 -14.69
N GLN A 50 11.05 -25.19 -15.71
CA GLN A 50 11.44 -25.67 -17.04
C GLN A 50 12.53 -24.79 -17.63
N ARG A 51 12.55 -23.52 -17.25
CA ARG A 51 13.50 -22.56 -17.78
C ARG A 51 14.70 -22.39 -16.85
N GLY A 52 14.92 -23.36 -15.97
CA GLY A 52 16.14 -23.42 -15.17
C GLY A 52 16.07 -22.80 -13.79
N ALA A 53 14.90 -22.31 -13.40
CA ALA A 53 14.74 -21.70 -12.07
C ALA A 53 14.68 -22.76 -10.98
N ASP A 54 15.19 -22.39 -9.80
CA ASP A 54 15.02 -23.20 -8.61
C ASP A 54 13.73 -22.76 -7.93
N VAL A 55 12.71 -23.60 -8.00
CA VAL A 55 11.36 -23.17 -7.64
C VAL A 55 10.84 -23.83 -6.36
N THR A 56 10.42 -23.00 -5.42
CA THR A 56 9.70 -23.47 -4.24
C THR A 56 8.25 -23.03 -4.35
N LEU A 57 7.33 -23.99 -4.26
CA LEU A 57 5.92 -23.69 -4.44
C LEU A 57 5.13 -23.92 -3.16
N ILE A 58 4.51 -22.85 -2.66
CA ILE A 58 3.67 -22.93 -1.47
C ILE A 58 2.21 -22.98 -1.90
N ALA A 59 1.58 -24.13 -1.69
CA ALA A 59 0.24 -24.35 -2.24
C ALA A 59 -0.84 -24.44 -1.15
N GLY A 60 -1.95 -23.74 -1.39
CA GLY A 60 -3.10 -23.79 -0.52
C GLY A 60 -4.07 -24.84 -0.99
N ASN A 61 -5.36 -24.51 -1.03
CA ASN A 61 -6.35 -25.49 -1.44
C ASN A 61 -6.24 -25.83 -2.92
N THR A 62 -5.49 -26.90 -3.20
CA THR A 62 -5.32 -27.42 -4.55
C THR A 62 -5.53 -28.93 -4.49
N ALA A 63 -6.78 -29.35 -4.45
CA ALA A 63 -7.10 -30.75 -4.17
C ALA A 63 -6.70 -31.69 -5.30
N GLY A 64 -7.20 -31.45 -6.51
CA GLY A 64 -6.91 -32.34 -7.61
C GLY A 64 -5.69 -32.01 -8.45
N LEU A 65 -4.95 -30.98 -8.06
CA LEU A 65 -3.75 -30.62 -8.80
C LEU A 65 -2.60 -31.55 -8.44
N ILE A 66 -1.69 -31.76 -9.39
CA ILE A 66 -0.54 -32.61 -9.14
C ILE A 66 0.72 -31.75 -8.98
N ASP A 67 1.48 -32.02 -7.92
CA ASP A 67 2.74 -31.32 -7.67
C ASP A 67 3.68 -31.40 -8.87
N PRO A 68 4.07 -30.24 -9.41
CA PRO A 68 5.01 -30.18 -10.54
C PRO A 68 6.37 -30.77 -10.19
N ALA A 69 6.95 -31.50 -11.15
CA ALA A 69 8.26 -32.12 -10.93
C ALA A 69 9.38 -31.07 -10.95
N GLY A 70 10.41 -31.31 -10.15
CA GLY A 70 11.53 -30.39 -10.08
C GLY A 70 11.23 -29.16 -9.25
N VAL A 71 10.15 -29.23 -8.47
CA VAL A 71 9.71 -28.10 -7.67
C VAL A 71 9.53 -28.48 -6.21
N GLU A 72 10.26 -27.81 -5.32
CA GLU A 72 10.10 -28.01 -3.89
C GLU A 72 8.70 -27.59 -3.45
N MET A 73 7.97 -28.53 -2.86
CA MET A 73 6.58 -28.30 -2.48
C MET A 73 6.44 -28.04 -0.98
N VAL A 74 5.69 -27.00 -0.64
CA VAL A 74 5.36 -26.69 0.75
C VAL A 74 3.87 -26.48 0.87
N HIS A 75 3.16 -27.49 1.39
CA HIS A 75 1.71 -27.40 1.54
C HIS A 75 1.31 -26.74 2.85
N ILE A 76 0.40 -25.78 2.76
CA ILE A 76 -0.11 -25.07 3.92
C ILE A 76 -1.64 -25.11 3.90
N GLY A 77 -2.26 -24.72 5.02
CA GLY A 77 -3.70 -24.70 5.10
C GLY A 77 -4.30 -23.30 5.16
N SER A 78 -3.81 -22.48 6.09
CA SER A 78 -4.43 -21.19 6.37
C SER A 78 -3.55 -20.00 5.98
N ALA A 79 -4.14 -18.81 6.03
CA ALA A 79 -3.44 -17.57 5.68
C ALA A 79 -2.23 -17.33 6.59
N THR A 80 -2.35 -17.69 7.86
CA THR A 80 -1.26 -17.52 8.80
C THR A 80 -0.12 -18.47 8.47
N GLN A 81 -0.47 -19.74 8.23
CA GLN A 81 0.50 -20.75 7.84
C GLN A 81 1.21 -20.36 6.54
N LEU A 82 0.49 -19.71 5.64
CA LEU A 82 1.05 -19.21 4.39
C LEU A 82 2.07 -18.10 4.65
N ARG A 83 1.71 -17.17 5.53
CA ARG A 83 2.57 -16.04 5.87
C ARG A 83 3.88 -16.50 6.50
N ASP A 84 3.80 -17.47 7.41
CA ASP A 84 4.98 -18.00 8.07
C ASP A 84 5.87 -18.74 7.08
N ALA A 85 5.24 -19.42 6.13
CA ALA A 85 5.97 -20.15 5.09
C ALA A 85 6.75 -19.19 4.20
N VAL A 86 6.10 -18.09 3.81
CA VAL A 86 6.73 -17.09 2.97
C VAL A 86 7.90 -16.44 3.70
N SER A 87 7.69 -16.09 4.96
CA SER A 87 8.72 -15.46 5.78
C SER A 87 9.96 -16.37 5.89
N LYS A 88 9.72 -17.67 5.96
CA LYS A 88 10.80 -18.64 6.05
C LYS A 88 11.61 -18.77 4.75
N HIS A 89 10.93 -18.78 3.62
CA HIS A 89 11.58 -19.09 2.34
C HIS A 89 11.94 -17.87 1.49
N ALA A 90 11.36 -16.71 1.81
CA ALA A 90 11.61 -15.48 1.03
C ALA A 90 13.07 -15.01 0.98
N PRO A 91 13.81 -15.05 2.11
CA PRO A 91 15.18 -14.51 2.07
C PRO A 91 16.09 -15.08 0.99
N ASP A 92 15.90 -16.33 0.61
CA ASP A 92 16.75 -16.97 -0.38
C ASP A 92 16.23 -16.75 -1.80
N ALA A 93 15.01 -16.23 -1.91
CA ALA A 93 14.35 -16.09 -3.21
C ALA A 93 14.77 -14.82 -3.93
N ASN A 94 14.97 -14.93 -5.24
CA ASN A 94 15.21 -13.78 -6.09
C ASN A 94 13.91 -13.23 -6.62
N VAL A 95 12.94 -14.12 -6.83
CA VAL A 95 11.63 -13.75 -7.34
C VAL A 95 10.52 -14.34 -6.47
N LEU A 96 9.54 -13.51 -6.13
CA LEU A 96 8.37 -13.96 -5.39
C LEU A 96 7.11 -13.80 -6.23
N VAL A 97 6.45 -14.92 -6.51
CA VAL A 97 5.23 -14.90 -7.30
C VAL A 97 4.02 -15.18 -6.40
N MET A 98 3.33 -14.11 -6.02
CA MET A 98 2.24 -14.22 -5.06
C MET A 98 0.92 -14.42 -5.78
N ALA A 99 0.60 -15.68 -6.10
CA ALA A 99 -0.58 -15.99 -6.88
C ALA A 99 -1.65 -16.67 -6.03
N ALA A 100 -1.36 -16.86 -4.74
CA ALA A 100 -2.32 -17.48 -3.83
C ALA A 100 -3.48 -16.55 -3.54
N ALA A 101 -4.68 -17.11 -3.48
CA ALA A 101 -5.86 -16.33 -3.11
C ALA A 101 -6.05 -16.35 -1.60
N VAL A 102 -5.42 -15.39 -0.93
CA VAL A 102 -5.44 -15.33 0.52
C VAL A 102 -6.79 -14.86 1.05
N ALA A 103 -7.37 -15.65 1.95
CA ALA A 103 -8.61 -15.27 2.61
C ALA A 103 -8.44 -13.98 3.39
N ASP A 104 -9.27 -12.99 3.09
CA ASP A 104 -9.18 -11.68 3.73
C ASP A 104 -9.56 -11.74 5.20
N PHE A 105 -10.49 -12.63 5.53
CA PHE A 105 -11.01 -12.71 6.88
C PHE A 105 -10.79 -14.08 7.50
N ARG A 106 -10.72 -14.10 8.83
CA ARG A 106 -10.50 -15.33 9.59
C ARG A 106 -11.45 -15.37 10.79
N PRO A 107 -11.90 -16.56 11.18
CA PRO A 107 -12.67 -16.72 12.42
C PRO A 107 -11.86 -16.27 13.62
N ALA A 108 -12.43 -15.39 14.44
CA ALA A 108 -11.72 -14.83 15.58
C ALA A 108 -11.29 -15.93 16.55
N HIS A 109 -12.19 -16.86 16.81
CA HIS A 109 -11.91 -17.99 17.70
C HIS A 109 -12.21 -19.32 17.02
N VAL A 110 -11.30 -20.28 17.18
CA VAL A 110 -11.47 -21.60 16.59
C VAL A 110 -11.89 -22.61 17.65
N ALA A 111 -13.00 -23.30 17.41
CA ALA A 111 -13.49 -24.31 18.35
C ALA A 111 -12.59 -25.53 18.34
N ALA A 112 -12.35 -26.10 19.52
CA ALA A 112 -11.53 -27.30 19.64
C ALA A 112 -12.24 -28.51 19.02
N ALA A 113 -13.57 -28.54 19.14
CA ALA A 113 -14.35 -29.62 18.60
C ALA A 113 -15.39 -29.09 17.63
N LYS A 114 -15.91 -29.98 16.76
CA LYS A 114 -16.91 -29.62 15.78
C LYS A 114 -18.16 -29.02 16.43
N ILE A 115 -18.57 -27.86 15.92
CA ILE A 115 -19.77 -27.18 16.42
C ILE A 115 -21.02 -27.99 16.06
N LYS A 116 -21.91 -28.18 17.04
CA LYS A 116 -23.08 -29.01 16.84
C LYS A 116 -24.32 -28.15 16.57
N GLU A 121 -30.70 -21.88 17.02
CA GLU A 121 -29.78 -21.32 16.04
C GLU A 121 -28.42 -21.06 16.68
N PRO A 122 -27.34 -21.23 15.89
CA PRO A 122 -25.98 -21.07 16.42
C PRO A 122 -25.62 -19.61 16.62
N SER A 123 -24.61 -19.35 17.46
CA SER A 123 -24.15 -18.00 17.68
C SER A 123 -23.33 -17.55 16.47
N SER A 124 -23.35 -16.24 16.19
CA SER A 124 -22.70 -15.70 15.01
C SER A 124 -21.19 -15.90 15.03
N ILE A 125 -20.58 -15.97 13.85
CA ILE A 125 -19.14 -16.12 13.73
C ILE A 125 -18.43 -14.77 13.70
N ASP A 126 -17.50 -14.58 14.62
CA ASP A 126 -16.73 -13.35 14.69
C ASP A 126 -15.57 -13.40 13.70
N LEU A 127 -15.45 -12.36 12.88
CA LEU A 127 -14.42 -12.33 11.84
C LEU A 127 -13.30 -11.34 12.17
N VAL A 128 -12.06 -11.75 11.91
CA VAL A 128 -10.91 -10.87 12.05
C VAL A 128 -10.09 -10.85 10.76
N ARG A 129 -9.61 -9.66 10.38
CA ARG A 129 -8.82 -9.50 9.16
C ARG A 129 -7.46 -10.19 9.25
N ASN A 130 -7.07 -10.82 8.15
CA ASN A 130 -5.75 -11.45 8.07
C ASN A 130 -4.69 -10.44 7.64
N ASP A 131 -3.44 -10.72 7.98
CA ASP A 131 -2.33 -9.84 7.60
C ASP A 131 -2.10 -9.87 6.10
N ASP A 132 -1.64 -8.75 5.55
CA ASP A 132 -1.29 -8.68 4.14
C ASP A 132 0.12 -9.23 3.95
N VAL A 133 0.20 -10.48 3.49
CA VAL A 133 1.49 -11.17 3.35
C VAL A 133 2.35 -10.49 2.30
N LEU A 134 1.72 -10.06 1.22
CA LEU A 134 2.41 -9.37 0.13
C LEU A 134 3.01 -8.06 0.65
N ALA A 135 2.20 -7.29 1.37
CA ALA A 135 2.67 -6.03 1.96
C ALA A 135 3.83 -6.26 2.90
N GLY A 136 3.81 -7.37 3.62
CA GLY A 136 4.90 -7.76 4.50
C GLY A 136 6.20 -7.94 3.73
N ALA A 137 6.11 -8.58 2.57
CA ALA A 137 7.27 -8.81 1.71
C ALA A 137 7.79 -7.50 1.10
N VAL A 138 6.86 -6.65 0.65
CA VAL A 138 7.21 -5.37 0.05
C VAL A 138 7.92 -4.48 1.07
N ARG A 139 7.45 -4.52 2.32
CA ARG A 139 8.05 -3.73 3.39
C ARG A 139 9.45 -4.22 3.72
N ALA A 140 9.61 -5.53 3.77
CA ALA A 140 10.90 -6.15 4.10
C ALA A 140 11.97 -5.77 3.09
N ARG A 141 11.61 -5.76 1.81
CA ARG A 141 12.56 -5.38 0.76
C ARG A 141 12.90 -3.89 0.87
N ALA A 142 11.90 -3.07 1.19
CA ALA A 142 12.10 -1.64 1.36
C ALA A 142 13.03 -1.35 2.54
N ASP A 143 12.99 -2.20 3.55
CA ASP A 143 13.81 -2.00 4.74
C ASP A 143 15.20 -2.63 4.59
N GLY A 144 15.49 -3.11 3.39
CA GLY A 144 16.81 -3.66 3.11
C GLY A 144 17.02 -5.04 3.72
N GLN A 145 15.93 -5.67 4.14
CA GLN A 145 16.00 -6.97 4.79
C GLN A 145 15.81 -8.11 3.80
N LEU A 146 15.67 -7.77 2.52
CA LEU A 146 15.59 -8.77 1.46
C LEU A 146 16.52 -8.43 0.29
N PRO A 147 17.84 -8.55 0.52
CA PRO A 147 18.82 -8.18 -0.51
C PRO A 147 18.70 -9.04 -1.77
N ASN A 148 18.40 -10.32 -1.60
CA ASN A 148 18.30 -11.24 -2.73
C ASN A 148 17.08 -10.98 -3.61
N MET A 149 16.02 -10.43 -3.02
CA MET A 149 14.78 -10.21 -3.75
C MET A 149 14.97 -9.18 -4.87
N ARG A 150 14.58 -9.55 -6.09
CA ARG A 150 14.79 -8.71 -7.25
C ARG A 150 13.49 -8.36 -7.96
N ALA A 151 12.47 -9.18 -7.74
CA ALA A 151 11.18 -8.99 -8.40
C ALA A 151 10.05 -9.59 -7.57
N ILE A 152 8.99 -8.81 -7.42
CA ILE A 152 7.81 -9.26 -6.68
C ILE A 152 6.56 -9.13 -7.53
N VAL A 153 5.82 -10.22 -7.67
CA VAL A 153 4.66 -10.27 -8.55
C VAL A 153 3.37 -10.51 -7.76
N GLY A 154 2.36 -9.70 -8.04
CA GLY A 154 1.06 -9.87 -7.41
C GLY A 154 0.00 -10.31 -8.41
N PHE A 155 -1.09 -10.86 -7.89
CA PHE A 155 -2.20 -11.32 -8.70
C PHE A 155 -3.48 -10.69 -8.22
N ALA A 156 -4.38 -10.35 -9.14
CA ALA A 156 -5.63 -9.72 -8.74
C ALA A 156 -6.78 -10.04 -9.68
N ALA A 157 -7.94 -10.31 -9.10
CA ALA A 157 -9.17 -10.41 -9.86
C ALA A 157 -9.95 -9.11 -9.69
N GLU A 158 -10.27 -8.46 -10.80
CA GLU A 158 -10.96 -7.18 -10.75
C GLU A 158 -12.24 -7.18 -11.57
N THR A 159 -13.26 -6.51 -11.06
CA THR A 159 -14.52 -6.37 -11.78
C THR A 159 -14.89 -4.89 -11.89
N GLY A 160 -15.52 -4.53 -13.00
CA GLY A 160 -15.98 -3.17 -13.20
C GLY A 160 -17.15 -2.81 -12.32
N ASP A 161 -17.05 -1.68 -11.61
CA ASP A 161 -18.14 -1.19 -10.78
C ASP A 161 -18.47 0.24 -11.18
N ALA A 162 -19.44 0.84 -10.50
CA ALA A 162 -19.89 2.20 -10.82
C ALA A 162 -18.78 3.23 -10.61
N ASN A 163 -17.84 2.92 -9.72
CA ASN A 163 -16.75 3.83 -9.44
C ASN A 163 -15.71 3.87 -10.55
N GLY A 164 -15.42 2.72 -11.17
CA GLY A 164 -14.41 2.68 -12.21
C GLY A 164 -14.30 1.41 -13.05
N ASP A 165 -13.45 1.49 -14.06
CA ASP A 165 -13.17 0.39 -14.99
C ASP A 165 -12.31 -0.69 -14.33
N VAL A 166 -12.19 -1.84 -14.97
CA VAL A 166 -11.33 -2.92 -14.49
C VAL A 166 -9.87 -2.48 -14.46
N LEU A 167 -9.41 -1.89 -15.57
CA LEU A 167 -8.06 -1.34 -15.65
C LEU A 167 -7.88 -0.22 -14.64
N PHE A 168 -8.95 0.53 -14.41
CA PHE A 168 -8.96 1.64 -13.47
C PHE A 168 -8.62 1.14 -12.06
N HIS A 169 -9.28 0.05 -11.66
CA HIS A 169 -9.03 -0.56 -10.36
C HIS A 169 -7.70 -1.32 -10.34
N ALA A 170 -7.37 -1.96 -11.46
CA ALA A 170 -6.14 -2.72 -11.58
C ALA A 170 -4.90 -1.82 -11.47
N ARG A 171 -4.94 -0.69 -12.17
CA ARG A 171 -3.85 0.27 -12.14
C ARG A 171 -3.63 0.81 -10.73
N ALA A 172 -4.73 1.02 -10.01
CA ALA A 172 -4.68 1.51 -8.64
C ALA A 172 -4.05 0.51 -7.68
N LYS A 173 -4.42 -0.76 -7.83
CA LYS A 173 -3.95 -1.80 -6.93
C LYS A 173 -2.46 -2.07 -7.10
N LEU A 174 -1.99 -1.95 -8.34
CA LEU A 174 -0.57 -2.16 -8.63
C LEU A 174 0.31 -1.21 -7.81
N GLU A 175 -0.08 0.06 -7.77
CA GLU A 175 0.66 1.05 -7.00
C GLU A 175 0.46 0.90 -5.49
N ARG A 176 -0.74 0.46 -5.08
CA ARG A 176 -1.01 0.24 -3.67
C ARG A 176 -0.19 -0.90 -3.07
N LYS A 177 -0.08 -1.99 -3.82
CA LYS A 177 0.63 -3.17 -3.33
C LYS A 177 2.13 -2.94 -3.29
N GLY A 178 2.63 -2.15 -4.24
CA GLY A 178 4.04 -1.84 -4.28
C GLY A 178 4.86 -2.92 -4.95
N CYS A 179 4.19 -3.81 -5.68
CA CYS A 179 4.88 -4.88 -6.39
C CYS A 179 5.35 -4.37 -7.74
N ASP A 180 6.24 -5.12 -8.36
CA ASP A 180 6.80 -4.73 -9.66
C ASP A 180 5.85 -5.05 -10.80
N LEU A 181 5.22 -6.22 -10.72
CA LEU A 181 4.30 -6.67 -11.76
C LEU A 181 2.98 -7.15 -11.17
N LEU A 182 1.88 -6.78 -11.80
CA LEU A 182 0.56 -7.23 -11.38
C LEU A 182 -0.16 -8.00 -12.48
N VAL A 183 -0.57 -9.22 -12.17
CA VAL A 183 -1.32 -10.03 -13.12
C VAL A 183 -2.81 -9.90 -12.81
N VAL A 184 -3.57 -9.39 -13.79
CA VAL A 184 -4.99 -9.14 -13.58
C VAL A 184 -5.81 -9.98 -14.54
N ASN A 185 -6.89 -10.57 -14.05
CA ASN A 185 -7.82 -11.32 -14.89
C ASN A 185 -9.20 -10.71 -14.85
N ASP A 199 -9.65 -13.09 -21.17
CA ASP A 199 -9.07 -11.74 -21.09
C ASP A 199 -8.16 -11.62 -19.87
N GLY A 200 -7.57 -10.44 -19.71
CA GLY A 200 -6.65 -10.21 -18.61
C GLY A 200 -5.58 -9.19 -18.95
N TRP A 201 -4.81 -8.78 -17.94
CA TRP A 201 -3.75 -7.80 -18.16
C TRP A 201 -2.48 -8.12 -17.38
N LEU A 202 -1.35 -7.67 -17.93
CA LEU A 202 -0.08 -7.72 -17.23
C LEU A 202 0.42 -6.30 -17.02
N LEU A 203 0.40 -5.85 -15.77
CA LEU A 203 0.73 -4.46 -15.47
C LEU A 203 2.10 -4.37 -14.81
N SER A 204 2.97 -3.54 -15.38
CA SER A 204 4.32 -3.35 -14.84
C SER A 204 4.42 -2.03 -14.09
N ALA A 205 5.34 -1.96 -13.15
CA ALA A 205 5.51 -0.75 -12.34
C ALA A 205 6.11 0.40 -13.14
N ASP A 206 6.77 0.09 -14.25
CA ASP A 206 7.40 1.12 -15.07
C ASP A 206 6.31 1.88 -15.84
N GLY A 207 5.13 1.26 -15.92
CA GLY A 207 4.00 1.88 -16.57
C GLY A 207 3.57 1.13 -17.81
N THR A 208 4.18 -0.03 -18.06
CA THR A 208 3.84 -0.80 -19.25
C THR A 208 2.56 -1.57 -19.02
N GLU A 209 1.78 -1.75 -20.07
CA GLU A 209 0.53 -2.49 -20.02
C GLU A 209 0.49 -3.48 -21.18
N SER A 210 0.30 -4.75 -20.87
CA SER A 210 0.20 -5.77 -21.90
C SER A 210 -1.07 -6.58 -21.74
N ALA A 211 -1.76 -6.83 -22.85
CA ALA A 211 -3.00 -7.59 -22.81
C ALA A 211 -2.70 -9.06 -22.55
N LEU A 212 -3.61 -9.74 -21.85
CA LEU A 212 -3.46 -11.17 -21.64
C LEU A 212 -4.65 -11.88 -22.28
N GLU A 213 -4.43 -12.41 -23.48
CA GLU A 213 -5.50 -13.04 -24.24
C GLU A 213 -5.87 -14.39 -23.64
N HIS A 214 -7.16 -14.72 -23.71
CA HIS A 214 -7.65 -15.97 -23.13
C HIS A 214 -7.00 -17.16 -23.81
N GLY A 215 -6.50 -18.10 -23.01
CA GLY A 215 -5.82 -19.27 -23.52
C GLY A 215 -5.58 -20.28 -22.42
N SER A 216 -4.80 -21.32 -22.73
CA SER A 216 -4.43 -22.32 -21.74
C SER A 216 -3.64 -21.68 -20.59
N LYS A 217 -3.74 -22.25 -19.41
CA LYS A 217 -2.98 -21.79 -18.25
C LYS A 217 -1.47 -21.82 -18.52
N THR A 218 -1.06 -22.74 -19.40
CA THR A 218 0.34 -22.87 -19.79
C THR A 218 0.83 -21.65 -20.57
N LEU A 219 0.07 -21.26 -21.59
CA LEU A 219 0.44 -20.11 -22.41
C LEU A 219 0.43 -18.82 -21.60
N MET A 220 -0.53 -18.70 -20.69
CA MET A 220 -0.61 -17.56 -19.81
C MET A 220 0.57 -17.51 -18.85
N ALA A 221 0.98 -18.69 -18.37
CA ALA A 221 2.15 -18.80 -17.50
C ALA A 221 3.41 -18.37 -18.24
N THR A 222 3.49 -18.73 -19.52
CA THR A 222 4.62 -18.34 -20.36
C THR A 222 4.71 -16.82 -20.46
N ARG A 223 3.56 -16.18 -20.64
CA ARG A 223 3.49 -14.73 -20.74
C ARG A 223 3.95 -14.06 -19.45
N ILE A 224 3.53 -14.63 -18.32
CA ILE A 224 3.90 -14.10 -17.02
C ILE A 224 5.39 -14.22 -16.75
N VAL A 225 5.93 -15.41 -17.00
CA VAL A 225 7.36 -15.67 -16.81
C VAL A 225 8.19 -14.82 -17.76
N ASP A 226 7.66 -14.58 -18.96
CA ASP A 226 8.33 -13.71 -19.93
C ASP A 226 8.42 -12.28 -19.39
N SER A 227 7.36 -11.82 -18.74
CA SER A 227 7.33 -10.49 -18.16
C SER A 227 8.34 -10.37 -17.03
N ILE A 228 8.45 -11.44 -16.24
CA ILE A 228 9.43 -11.50 -15.16
C ILE A 228 10.85 -11.44 -15.71
N ALA A 229 11.11 -12.26 -16.71
CA ALA A 229 12.41 -12.26 -17.40
C ALA A 229 12.76 -10.89 -17.94
N ALA A 230 11.81 -10.29 -18.66
CA ALA A 230 12.00 -8.96 -19.24
C ALA A 230 12.27 -7.92 -18.16
N PHE A 231 11.59 -8.06 -17.03
CA PHE A 231 11.77 -7.15 -15.91
C PHE A 231 13.15 -7.29 -15.29
N LEU A 232 13.62 -8.54 -15.17
CA LEU A 232 14.90 -8.82 -14.54
C LEU A 232 16.06 -8.25 -15.36
N LYS A 233 15.87 -8.20 -16.67
CA LYS A 233 16.87 -7.65 -17.57
C LYS A 233 17.05 -6.16 -17.30
N SER A 234 15.95 -5.50 -16.94
CA SER A 234 15.96 -4.07 -16.64
C SER A 234 16.55 -3.79 -15.26
N GLN A 235 16.51 -4.79 -14.38
CA GLN A 235 17.07 -4.67 -13.04
C GLN A 235 18.60 -4.62 -13.07
N HIS B 7 -18.34 19.79 23.91
CA HIS B 7 -18.47 18.46 23.33
C HIS B 7 -17.12 17.91 22.92
N HIS B 8 -16.77 16.74 23.44
CA HIS B 8 -15.45 16.18 23.24
C HIS B 8 -15.53 14.72 22.77
N ASP B 9 -16.04 14.53 21.56
CA ASP B 9 -16.05 13.22 20.89
C ASP B 9 -14.70 12.50 20.92
N MET B 10 -13.62 13.26 20.70
CA MET B 10 -12.31 12.66 20.45
C MET B 10 -11.48 12.52 21.72
N ALA B 11 -12.16 12.43 22.87
CA ALA B 11 -11.50 12.45 24.17
C ALA B 11 -10.36 11.42 24.31
N GLY B 12 -10.61 10.20 23.87
CA GLY B 12 -9.63 9.12 24.00
C GLY B 12 -8.76 8.90 22.78
N VAL B 13 -8.93 9.74 21.76
CA VAL B 13 -8.27 9.52 20.48
C VAL B 13 -6.93 10.23 20.36
N LYS B 14 -5.86 9.46 20.20
CA LYS B 14 -4.55 10.01 19.90
C LYS B 14 -4.41 10.19 18.39
N ALA B 15 -4.34 11.44 17.94
CA ALA B 15 -4.29 11.73 16.51
C ALA B 15 -2.94 12.27 16.07
N LEU B 16 -2.44 11.77 14.95
CA LEU B 16 -1.19 12.24 14.38
C LEU B 16 -1.43 12.96 13.06
N VAL B 17 -1.08 14.24 13.02
CA VAL B 17 -1.31 15.07 11.85
C VAL B 17 -0.01 15.63 11.28
N THR B 18 0.15 15.51 9.96
CA THR B 18 1.26 16.16 9.27
C THR B 18 0.75 17.35 8.47
N ALA B 19 1.58 18.38 8.34
CA ALA B 19 1.16 19.60 7.67
C ALA B 19 2.35 20.39 7.13
N GLY B 20 2.08 21.23 6.13
CA GLY B 20 3.11 22.04 5.52
C GLY B 20 3.83 21.33 4.39
N GLY B 21 4.80 22.02 3.79
CA GLY B 21 5.57 21.46 2.70
C GLY B 21 6.98 21.10 3.12
N THR B 22 7.56 20.11 2.46
CA THR B 22 8.93 19.69 2.74
C THR B 22 9.95 20.48 1.91
N ARG B 23 11.20 20.42 2.33
CA ARG B 23 12.28 21.11 1.62
C ARG B 23 13.43 20.14 1.34
N GLU B 24 13.72 19.93 0.06
CA GLU B 24 14.78 19.00 -0.33
C GLU B 24 16.04 19.73 -0.76
N PRO B 25 17.10 19.63 0.05
CA PRO B 25 18.33 20.44 -0.08
C PRO B 25 19.29 19.99 -1.18
N LEU B 26 19.74 20.95 -1.98
CA LEU B 26 20.88 20.76 -2.87
C LEU B 26 22.18 20.87 -2.08
N ASP B 27 22.15 21.74 -1.08
CA ASP B 27 23.30 22.04 -0.24
C ASP B 27 22.78 22.62 1.08
N PRO B 28 23.67 22.95 2.05
CA PRO B 28 23.15 23.53 3.29
C PRO B 28 22.28 24.77 3.12
N VAL B 29 22.49 25.55 2.06
CA VAL B 29 21.77 26.79 1.87
C VAL B 29 20.51 26.67 1.02
N ARG B 30 20.60 25.94 -0.10
CA ARG B 30 19.53 25.92 -1.08
C ARG B 30 18.72 24.63 -1.01
N PHE B 31 17.51 24.66 -1.56
CA PHE B 31 16.62 23.49 -1.51
C PHE B 31 15.55 23.52 -2.60
N ILE B 32 14.83 22.41 -2.72
CA ILE B 32 13.64 22.33 -3.57
C ILE B 32 12.39 22.30 -2.70
N GLY B 33 11.48 23.25 -2.95
CA GLY B 33 10.27 23.35 -2.14
C GLY B 33 9.02 23.64 -2.94
N ASN B 34 7.89 23.74 -2.25
CA ASN B 34 6.62 24.07 -2.88
C ASN B 34 5.86 25.17 -2.16
N ARG B 35 4.70 25.54 -2.70
CA ARG B 35 3.96 26.72 -2.22
C ARG B 35 2.92 26.42 -1.14
N SER B 36 2.93 25.20 -0.61
CA SER B 36 1.96 24.81 0.42
C SER B 36 2.09 25.66 1.67
N SER B 37 0.97 26.17 2.16
CA SER B 37 0.95 27.01 3.35
C SER B 37 0.87 26.19 4.63
N GLY B 38 0.13 25.08 4.58
CA GLY B 38 -0.04 24.24 5.75
C GLY B 38 -1.18 24.68 6.67
N LYS B 39 -1.92 25.69 6.24
CA LYS B 39 -3.01 26.24 7.04
C LYS B 39 -4.11 25.22 7.35
N GLN B 40 -4.45 24.41 6.36
CA GLN B 40 -5.54 23.44 6.51
C GLN B 40 -5.19 22.34 7.51
N GLY B 41 -3.96 21.85 7.46
CA GLY B 41 -3.51 20.81 8.37
C GLY B 41 -3.48 21.34 9.80
N TYR B 42 -3.02 22.57 9.96
CA TYR B 42 -3.03 23.24 11.26
C TYR B 42 -4.46 23.38 11.77
N ALA B 43 -5.36 23.77 10.88
CA ALA B 43 -6.76 23.93 11.22
C ALA B 43 -7.38 22.62 11.70
N VAL B 44 -7.06 21.52 11.01
CA VAL B 44 -7.59 20.21 11.38
C VAL B 44 -7.01 19.75 12.72
N ALA B 45 -5.73 20.00 12.92
CA ALA B 45 -5.03 19.60 14.15
C ALA B 45 -5.62 20.28 15.38
N ARG B 46 -5.88 21.58 15.28
CA ARG B 46 -6.41 22.35 16.40
C ARG B 46 -7.86 21.97 16.70
N VAL B 47 -8.66 21.74 15.66
CA VAL B 47 -10.05 21.34 15.84
C VAL B 47 -10.10 20.01 16.57
N LEU B 48 -9.21 19.09 16.17
CA LEU B 48 -9.06 17.82 16.84
C LEU B 48 -8.73 18.04 18.31
N ALA B 49 -7.75 18.91 18.56
CA ALA B 49 -7.32 19.22 19.92
C ALA B 49 -8.44 19.88 20.72
N GLN B 50 -9.23 20.72 20.05
CA GLN B 50 -10.36 21.40 20.69
C GLN B 50 -11.41 20.42 21.17
N ARG B 51 -11.53 19.30 20.47
CA ARG B 51 -12.55 18.30 20.77
C ARG B 51 -12.02 17.17 21.65
N GLY B 52 -10.90 17.40 22.30
CA GLY B 52 -10.38 16.48 23.31
C GLY B 52 -9.38 15.45 22.83
N ALA B 53 -8.99 15.51 21.57
CA ALA B 53 -8.01 14.57 21.05
C ALA B 53 -6.61 14.91 21.54
N ASP B 54 -5.79 13.88 21.73
CA ASP B 54 -4.38 14.10 22.03
C ASP B 54 -3.65 14.18 20.70
N VAL B 55 -3.21 15.38 20.34
CA VAL B 55 -2.75 15.64 18.99
C VAL B 55 -1.25 15.91 18.89
N THR B 56 -0.59 15.15 18.02
CA THR B 56 0.80 15.41 17.68
C THR B 56 0.88 15.92 16.24
N LEU B 57 1.49 17.09 16.06
CA LEU B 57 1.54 17.71 14.75
C LEU B 57 2.96 17.77 14.20
N ILE B 58 3.18 17.11 13.07
CA ILE B 58 4.48 17.16 12.42
C ILE B 58 4.43 18.17 11.28
N ALA B 59 5.10 19.30 11.46
CA ALA B 59 4.99 20.42 10.52
C ALA B 59 6.30 20.70 9.80
N GLY B 60 6.20 20.88 8.48
CA GLY B 60 7.32 21.30 7.67
C GLY B 60 7.30 22.80 7.47
N ASN B 61 7.54 23.23 6.24
CA ASN B 61 7.56 24.65 5.88
C ASN B 61 6.17 25.28 5.96
N THR B 62 5.97 26.15 6.93
CA THR B 62 4.67 26.80 7.10
C THR B 62 4.74 28.31 7.00
N ALA B 63 3.68 28.90 6.44
CA ALA B 63 3.65 30.32 6.10
C ALA B 63 3.59 31.26 7.31
N GLY B 64 4.57 31.16 8.21
CA GLY B 64 4.56 32.01 9.38
C GLY B 64 3.59 31.59 10.47
N LEU B 65 3.04 30.39 10.34
CA LEU B 65 2.01 29.93 11.26
C LEU B 65 2.58 29.61 12.65
N ILE B 66 1.73 29.78 13.66
CA ILE B 66 2.11 29.55 15.05
C ILE B 66 1.56 28.22 15.59
N ASP B 67 2.39 27.51 16.33
CA ASP B 67 2.04 26.24 16.94
C ASP B 67 0.74 26.31 17.74
N PRO B 68 -0.25 25.47 17.38
CA PRO B 68 -1.51 25.37 18.10
C PRO B 68 -1.32 24.91 19.54
N ALA B 69 -2.06 25.47 20.48
CA ALA B 69 -1.96 25.09 21.87
C ALA B 69 -2.57 23.72 22.12
N GLY B 70 -1.98 22.98 23.06
CA GLY B 70 -2.47 21.65 23.39
C GLY B 70 -2.05 20.60 22.37
N VAL B 71 -1.07 20.95 21.55
CA VAL B 71 -0.61 20.06 20.48
C VAL B 71 0.90 19.85 20.53
N GLU B 72 1.32 18.60 20.67
CA GLU B 72 2.74 18.25 20.62
C GLU B 72 3.32 18.57 19.24
N MET B 73 4.34 19.42 19.22
CA MET B 73 4.89 19.90 17.97
C MET B 73 6.19 19.19 17.57
N VAL B 74 6.25 18.74 16.33
CA VAL B 74 7.46 18.14 15.76
C VAL B 74 7.77 18.77 14.41
N HIS B 75 8.75 19.66 14.37
CA HIS B 75 9.12 20.34 13.13
C HIS B 75 10.13 19.54 12.33
N ILE B 76 9.87 19.41 11.02
CA ILE B 76 10.76 18.68 10.13
C ILE B 76 11.12 19.54 8.92
N GLY B 77 12.12 19.11 8.18
CA GLY B 77 12.55 19.84 6.99
C GLY B 77 12.26 19.15 5.67
N SER B 78 12.68 17.90 5.55
CA SER B 78 12.64 17.20 4.27
C SER B 78 11.64 16.05 4.26
N ALA B 79 11.39 15.50 3.08
CA ALA B 79 10.48 14.38 2.91
C ALA B 79 10.93 13.16 3.70
N THR B 80 12.24 12.95 3.75
CA THR B 80 12.83 11.82 4.46
C THR B 80 12.67 11.99 5.97
N GLN B 81 13.01 13.18 6.46
CA GLN B 81 12.84 13.50 7.88
C GLN B 81 11.38 13.36 8.30
N LEU B 82 10.47 13.73 7.40
CA LEU B 82 9.05 13.58 7.65
C LEU B 82 8.68 12.11 7.76
N ARG B 83 9.23 11.30 6.86
CA ARG B 83 8.97 9.86 6.84
C ARG B 83 9.45 9.21 8.14
N ASP B 84 10.62 9.61 8.61
CA ASP B 84 11.18 9.09 9.85
C ASP B 84 10.35 9.54 11.05
N ALA B 85 9.84 10.77 10.96
CA ALA B 85 8.99 11.32 12.02
C ALA B 85 7.68 10.56 12.12
N VAL B 86 7.08 10.25 10.98
CA VAL B 86 5.84 9.50 10.94
C VAL B 86 6.03 8.09 11.51
N SER B 87 7.10 7.43 11.08
CA SER B 87 7.43 6.09 11.55
C SER B 87 7.60 6.06 13.06
N LYS B 88 8.15 7.13 13.62
CA LYS B 88 8.37 7.23 15.06
C LYS B 88 7.06 7.35 15.85
N HIS B 89 6.13 8.17 15.36
CA HIS B 89 4.93 8.50 16.12
C HIS B 89 3.68 7.72 15.71
N ALA B 90 3.73 7.07 14.55
CA ALA B 90 2.58 6.31 14.05
C ALA B 90 2.09 5.18 14.99
N PRO B 91 3.01 4.39 15.58
CA PRO B 91 2.54 3.28 16.42
C PRO B 91 1.57 3.67 17.55
N ASP B 92 1.72 4.88 18.09
CA ASP B 92 0.89 5.32 19.20
C ASP B 92 -0.41 5.99 18.74
N ALA B 93 -0.49 6.30 17.45
CA ALA B 93 -1.62 7.05 16.91
C ALA B 93 -2.82 6.17 16.59
N ASN B 94 -4.02 6.67 16.91
CA ASN B 94 -5.26 6.02 16.51
C ASN B 94 -5.70 6.52 15.13
N VAL B 95 -5.40 7.78 14.87
CA VAL B 95 -5.77 8.41 13.61
C VAL B 95 -4.56 9.11 12.97
N LEU B 96 -4.38 8.90 11.67
CA LEU B 96 -3.33 9.58 10.93
C LEU B 96 -3.92 10.50 9.87
N VAL B 97 -3.67 11.81 10.01
CA VAL B 97 -4.16 12.78 9.05
C VAL B 97 -2.99 13.32 8.23
N MET B 98 -2.84 12.80 7.03
CA MET B 98 -1.70 13.13 6.18
C MET B 98 -1.99 14.32 5.25
N ALA B 99 -1.80 15.52 5.77
CA ALA B 99 -2.15 16.73 5.02
C ALA B 99 -0.92 17.48 4.52
N ALA B 100 0.26 16.95 4.81
CA ALA B 100 1.50 17.58 4.38
C ALA B 100 1.71 17.41 2.89
N ALA B 101 2.20 18.47 2.23
CA ALA B 101 2.53 18.42 0.82
C ALA B 101 3.96 17.94 0.63
N VAL B 102 4.13 16.62 0.56
CA VAL B 102 5.45 16.01 0.46
C VAL B 102 6.03 16.20 -0.93
N ALA B 103 7.24 16.75 -1.00
CA ALA B 103 7.95 16.92 -2.27
C ALA B 103 8.20 15.58 -2.94
N ASP B 104 7.76 15.47 -4.20
CA ASP B 104 7.87 14.22 -4.93
C ASP B 104 9.32 13.87 -5.26
N PHE B 105 10.14 14.89 -5.51
CA PHE B 105 11.52 14.64 -5.90
C PHE B 105 12.53 15.35 -4.99
N ARG B 106 13.73 14.80 -4.90
CA ARG B 106 14.81 15.37 -4.11
C ARG B 106 16.13 15.29 -4.88
N PRO B 107 17.05 16.23 -4.63
CA PRO B 107 18.38 16.13 -5.21
C PRO B 107 19.06 14.84 -4.78
N ALA B 108 19.54 14.05 -5.74
CA ALA B 108 20.11 12.74 -5.47
C ALA B 108 21.28 12.80 -4.51
N HIS B 109 22.15 13.80 -4.70
CA HIS B 109 23.29 13.97 -3.82
C HIS B 109 23.31 15.37 -3.23
N VAL B 110 23.58 15.45 -1.93
CA VAL B 110 23.61 16.73 -1.23
C VAL B 110 25.05 17.14 -0.95
N ALA B 111 25.41 18.35 -1.38
CA ALA B 111 26.76 18.85 -1.18
C ALA B 111 27.00 19.15 0.29
N ALA B 112 28.21 18.82 0.76
CA ALA B 112 28.59 19.09 2.14
C ALA B 112 28.68 20.59 2.40
N ALA B 113 29.12 21.33 1.38
CA ALA B 113 29.26 22.78 1.48
C ALA B 113 28.43 23.46 0.41
N LYS B 114 28.15 24.74 0.59
CA LYS B 114 27.38 25.52 -0.38
C LYS B 114 28.03 25.47 -1.75
N ILE B 115 27.24 25.14 -2.77
CA ILE B 115 27.74 25.09 -4.13
C ILE B 115 28.11 26.50 -4.60
N LYS B 116 29.27 26.64 -5.21
CA LYS B 116 29.79 27.96 -5.57
C LYS B 116 29.56 28.28 -7.05
N LYS B 117 29.09 29.49 -7.31
CA LYS B 117 28.91 29.97 -8.67
C LYS B 117 30.27 30.18 -9.33
N GLY B 118 30.31 30.03 -10.65
CA GLY B 118 31.57 30.17 -11.38
C GLY B 118 31.38 30.85 -12.73
N ALA B 119 32.40 30.70 -13.59
CA ALA B 119 32.37 31.30 -14.91
C ALA B 119 31.58 30.44 -15.89
N SER B 120 31.09 29.30 -15.40
CA SER B 120 30.25 28.43 -16.21
C SER B 120 29.08 27.91 -15.38
N GLU B 121 28.01 27.50 -16.06
CA GLU B 121 26.82 27.02 -15.38
C GLU B 121 27.12 25.77 -14.56
N PRO B 122 26.42 25.60 -13.43
CA PRO B 122 26.68 24.47 -12.54
C PRO B 122 26.18 23.15 -13.14
N SER B 123 26.66 22.03 -12.63
CA SER B 123 26.26 20.74 -13.16
C SER B 123 24.81 20.45 -12.78
N SER B 124 24.13 19.71 -13.63
CA SER B 124 22.70 19.46 -13.45
C SER B 124 22.43 18.71 -12.15
N ILE B 125 21.25 18.93 -11.60
CA ILE B 125 20.86 18.26 -10.37
C ILE B 125 20.15 16.95 -10.67
N ASP B 126 20.67 15.85 -10.11
CA ASP B 126 20.06 14.54 -10.32
C ASP B 126 18.87 14.37 -9.39
N LEU B 127 17.74 13.98 -9.95
CA LEU B 127 16.52 13.85 -9.16
C LEU B 127 16.15 12.39 -8.94
N VAL B 128 15.75 12.08 -7.71
CA VAL B 128 15.22 10.77 -7.37
C VAL B 128 13.88 10.96 -6.68
N ARG B 129 12.91 10.10 -6.98
CA ARG B 129 11.58 10.18 -6.39
C ARG B 129 11.66 9.86 -4.90
N ASN B 130 10.90 10.61 -4.10
CA ASN B 130 10.85 10.38 -2.67
C ASN B 130 9.87 9.26 -2.33
N ASP B 131 10.07 8.66 -1.16
CA ASP B 131 9.20 7.57 -0.72
C ASP B 131 7.80 8.09 -0.42
N ASP B 132 6.81 7.24 -0.64
CA ASP B 132 5.43 7.59 -0.32
C ASP B 132 5.17 7.33 1.15
N VAL B 133 5.18 8.39 1.95
CA VAL B 133 5.05 8.27 3.40
C VAL B 133 3.65 7.75 3.77
N LEU B 134 2.63 8.24 3.08
CA LEU B 134 1.26 7.80 3.32
C LEU B 134 1.07 6.33 3.02
N ALA B 135 1.49 5.91 1.83
CA ALA B 135 1.40 4.51 1.41
C ALA B 135 2.20 3.60 2.35
N GLY B 136 3.34 4.11 2.82
CA GLY B 136 4.16 3.39 3.76
C GLY B 136 3.41 3.09 5.05
N ALA B 137 2.65 4.06 5.52
CA ALA B 137 1.86 3.89 6.73
C ALA B 137 0.72 2.90 6.51
N VAL B 138 0.07 3.02 5.36
CA VAL B 138 -1.02 2.11 5.00
C VAL B 138 -0.51 0.68 4.86
N ARG B 139 0.67 0.53 4.27
CA ARG B 139 1.28 -0.77 4.09
C ARG B 139 1.66 -1.39 5.43
N ALA B 140 2.23 -0.56 6.30
CA ALA B 140 2.63 -1.00 7.63
C ALA B 140 1.41 -1.47 8.43
N ARG B 141 0.31 -0.74 8.30
CA ARG B 141 -0.94 -1.07 8.97
C ARG B 141 -1.51 -2.36 8.40
N ALA B 142 -1.37 -2.53 7.09
CA ALA B 142 -1.81 -3.75 6.40
C ALA B 142 -1.02 -4.95 6.88
N ASP B 143 0.23 -4.72 7.27
CA ASP B 143 1.12 -5.79 7.70
C ASP B 143 0.91 -6.10 9.19
N GLY B 144 -0.11 -5.48 9.78
CA GLY B 144 -0.46 -5.74 11.16
C GLY B 144 0.49 -5.10 12.15
N GLN B 145 1.31 -4.17 11.65
CA GLN B 145 2.31 -3.51 12.48
C GLN B 145 1.81 -2.18 13.05
N LEU B 146 0.55 -1.85 12.77
CA LEU B 146 -0.07 -0.67 13.37
C LEU B 146 -1.45 -1.02 13.95
N PRO B 147 -1.47 -1.82 15.03
CA PRO B 147 -2.72 -2.27 15.64
C PRO B 147 -3.59 -1.14 16.18
N ASN B 148 -2.96 -0.10 16.73
CA ASN B 148 -3.68 1.02 17.32
C ASN B 148 -4.39 1.86 16.26
N MET B 149 -3.88 1.83 15.04
CA MET B 149 -4.40 2.64 13.95
C MET B 149 -5.84 2.27 13.62
N ARG B 150 -6.71 3.28 13.60
CA ARG B 150 -8.13 3.06 13.37
C ARG B 150 -8.63 3.83 12.16
N ALA B 151 -7.89 4.87 11.77
CA ALA B 151 -8.31 5.70 10.65
C ALA B 151 -7.12 6.40 9.99
N ILE B 152 -7.08 6.36 8.66
CA ILE B 152 -6.02 7.02 7.89
C ILE B 152 -6.62 7.95 6.85
N VAL B 153 -6.21 9.22 6.90
CA VAL B 153 -6.77 10.25 6.03
C VAL B 153 -5.73 10.84 5.08
N GLY B 154 -6.08 10.94 3.81
CA GLY B 154 -5.20 11.55 2.82
C GLY B 154 -5.74 12.85 2.26
N PHE B 155 -4.85 13.64 1.66
CA PHE B 155 -5.24 14.91 1.05
C PHE B 155 -4.76 14.97 -0.41
N ALA B 156 -5.57 15.56 -1.28
CA ALA B 156 -5.20 15.64 -2.69
C ALA B 156 -5.77 16.88 -3.38
N ALA B 157 -4.96 17.51 -4.22
CA ALA B 157 -5.44 18.53 -5.13
C ALA B 157 -5.59 17.93 -6.53
N GLU B 158 -6.80 18.01 -7.08
CA GLU B 158 -7.08 17.42 -8.38
C GLU B 158 -7.69 18.42 -9.34
N THR B 159 -7.34 18.28 -10.62
CA THR B 159 -7.90 19.13 -11.67
C THR B 159 -8.54 18.27 -12.75
N GLY B 160 -9.60 18.78 -13.37
CA GLY B 160 -10.25 18.05 -14.44
C GLY B 160 -9.35 17.97 -15.66
N ASP B 161 -9.17 16.75 -16.16
CA ASP B 161 -8.35 16.54 -17.35
C ASP B 161 -9.09 15.75 -18.42
N ALA B 162 -8.41 15.54 -19.56
CA ALA B 162 -8.98 14.82 -20.68
C ALA B 162 -9.25 13.37 -20.33
N ASN B 163 -8.50 12.85 -19.37
CA ASN B 163 -8.63 11.45 -18.96
C ASN B 163 -9.89 11.19 -18.14
N GLY B 164 -10.25 12.14 -17.28
CA GLY B 164 -11.39 11.94 -16.39
C GLY B 164 -11.86 13.15 -15.62
N ASP B 165 -12.97 12.95 -14.90
CA ASP B 165 -13.56 13.97 -14.04
C ASP B 165 -12.68 14.20 -12.82
N VAL B 166 -12.97 15.25 -12.06
CA VAL B 166 -12.22 15.53 -10.83
C VAL B 166 -12.39 14.38 -9.84
N LEU B 167 -13.62 13.93 -9.66
CA LEU B 167 -13.91 12.79 -8.79
C LEU B 167 -13.24 11.52 -9.33
N PHE B 168 -13.15 11.42 -10.65
CA PHE B 168 -12.53 10.27 -11.29
C PHE B 168 -11.07 10.09 -10.88
N HIS B 169 -10.31 11.18 -10.92
CA HIS B 169 -8.91 11.15 -10.52
C HIS B 169 -8.77 11.02 -9.00
N ALA B 170 -9.67 11.66 -8.27
CA ALA B 170 -9.67 11.59 -6.82
C ALA B 170 -9.94 10.17 -6.34
N ARG B 171 -10.92 9.53 -6.94
CA ARG B 171 -11.28 8.15 -6.62
C ARG B 171 -10.10 7.23 -6.94
N ALA B 172 -9.39 7.55 -8.02
CA ALA B 172 -8.24 6.76 -8.43
C ALA B 172 -7.11 6.87 -7.41
N LYS B 173 -6.85 8.08 -6.94
CA LYS B 173 -5.74 8.31 -6.02
C LYS B 173 -6.02 7.70 -4.64
N LEU B 174 -7.28 7.73 -4.23
CA LEU B 174 -7.70 7.13 -2.97
C LEU B 174 -7.37 5.65 -2.93
N GLU B 175 -7.64 4.96 -4.05
CA GLU B 175 -7.36 3.54 -4.17
C GLU B 175 -5.86 3.27 -4.29
N ARG B 176 -5.12 4.20 -4.89
CA ARG B 176 -3.67 4.05 -5.00
C ARG B 176 -3.03 4.07 -3.62
N LYS B 177 -3.46 5.01 -2.79
CA LYS B 177 -2.89 5.19 -1.45
C LYS B 177 -3.32 4.12 -0.47
N GLY B 178 -4.57 3.68 -0.58
CA GLY B 178 -5.10 2.65 0.30
C GLY B 178 -5.59 3.21 1.63
N CYS B 179 -5.81 4.52 1.68
CA CYS B 179 -6.28 5.17 2.90
C CYS B 179 -7.80 5.07 3.05
N ASP B 180 -8.30 5.36 4.24
CA ASP B 180 -9.73 5.25 4.54
C ASP B 180 -10.54 6.43 4.00
N LEU B 181 -10.00 7.63 4.16
CA LEU B 181 -10.68 8.84 3.71
C LEU B 181 -9.71 9.73 2.92
N LEU B 182 -10.20 10.30 1.82
CA LEU B 182 -9.39 11.22 1.02
C LEU B 182 -10.06 12.58 0.91
N VAL B 183 -9.33 13.63 1.30
CA VAL B 183 -9.84 14.99 1.19
C VAL B 183 -9.34 15.65 -0.10
N VAL B 184 -10.26 16.03 -0.97
CA VAL B 184 -9.90 16.56 -2.28
C VAL B 184 -10.37 18.01 -2.48
N ASN B 185 -9.54 18.81 -3.13
CA ASN B 185 -9.87 20.19 -3.44
C ASN B 185 -9.98 20.43 -4.94
N ASP B 199 -15.13 23.78 -4.96
CA ASP B 199 -15.80 22.50 -5.20
C ASP B 199 -14.94 21.34 -4.74
N GLY B 200 -14.87 21.14 -3.42
CA GLY B 200 -14.07 20.06 -2.86
C GLY B 200 -14.86 18.80 -2.65
N TRP B 201 -14.17 17.71 -2.31
CA TRP B 201 -14.83 16.43 -2.08
C TRP B 201 -14.25 15.69 -0.88
N LEU B 202 -15.10 14.91 -0.23
CA LEU B 202 -14.65 14.00 0.83
C LEU B 202 -14.99 12.57 0.43
N LEU B 203 -13.95 11.78 0.13
CA LEU B 203 -14.16 10.43 -0.38
C LEU B 203 -13.84 9.34 0.64
N SER B 204 -14.78 8.41 0.78
CA SER B 204 -14.63 7.29 1.70
C SER B 204 -14.27 6.03 0.90
N ALA B 205 -13.63 5.08 1.58
CA ALA B 205 -13.20 3.84 0.96
C ALA B 205 -14.37 2.87 0.68
N ASP B 206 -15.52 3.11 1.29
CA ASP B 206 -16.65 2.18 1.22
C ASP B 206 -17.52 1.99 -0.05
N GLY B 207 -17.55 2.89 -1.06
CA GLY B 207 -16.80 4.12 -1.16
C GLY B 207 -17.68 5.31 -1.54
N THR B 208 -18.31 5.91 -0.54
CA THR B 208 -19.21 7.05 -0.72
C THR B 208 -18.45 8.36 -0.89
N GLU B 209 -19.08 9.32 -1.57
CA GLU B 209 -18.47 10.62 -1.82
C GLU B 209 -19.39 11.77 -1.42
N SER B 210 -18.87 12.69 -0.60
CA SER B 210 -19.62 13.86 -0.17
C SER B 210 -18.87 15.17 -0.42
N ALA B 211 -19.59 16.17 -0.92
CA ALA B 211 -18.99 17.47 -1.24
C ALA B 211 -18.66 18.31 -0.02
N LEU B 212 -17.59 19.10 -0.12
CA LEU B 212 -17.18 20.03 0.93
C LEU B 212 -17.22 21.47 0.40
N GLU B 213 -18.26 22.21 0.75
CA GLU B 213 -18.41 23.57 0.24
C GLU B 213 -17.43 24.54 0.88
N HIS B 214 -16.97 25.51 0.09
CA HIS B 214 -15.97 26.49 0.52
C HIS B 214 -16.40 27.32 1.72
N GLY B 215 -15.48 27.48 2.66
CA GLY B 215 -15.72 28.22 3.89
C GLY B 215 -14.39 28.47 4.57
N SER B 216 -14.43 28.95 5.81
CA SER B 216 -13.21 29.18 6.58
C SER B 216 -12.46 27.87 6.76
N LYS B 217 -11.13 27.97 6.89
CA LYS B 217 -10.31 26.81 7.17
C LYS B 217 -10.77 26.11 8.43
N THR B 218 -11.36 26.89 9.34
CA THR B 218 -11.91 26.38 10.58
C THR B 218 -13.13 25.48 10.34
N LEU B 219 -14.10 26.01 9.62
CA LEU B 219 -15.32 25.26 9.30
C LEU B 219 -15.01 24.08 8.40
N MET B 220 -14.08 24.27 7.46
CA MET B 220 -13.68 23.21 6.55
C MET B 220 -12.99 22.09 7.30
N ALA B 221 -12.14 22.45 8.27
CA ALA B 221 -11.49 21.47 9.13
C ALA B 221 -12.53 20.76 10.00
N THR B 222 -13.52 21.52 10.43
CA THR B 222 -14.59 21.01 11.27
C THR B 222 -15.36 19.91 10.54
N ARG B 223 -15.64 20.14 9.27
CA ARG B 223 -16.34 19.16 8.44
C ARG B 223 -15.52 17.89 8.29
N ILE B 224 -14.21 18.06 8.14
CA ILE B 224 -13.29 16.93 7.99
C ILE B 224 -13.25 16.08 9.25
N VAL B 225 -13.11 16.74 10.40
CA VAL B 225 -13.05 16.06 11.69
C VAL B 225 -14.37 15.35 11.96
N ASP B 226 -15.47 15.94 11.48
CA ASP B 226 -16.79 15.33 11.61
C ASP B 226 -16.87 14.00 10.86
N SER B 227 -16.26 13.96 9.69
CA SER B 227 -16.22 12.74 8.89
C SER B 227 -15.43 11.64 9.59
N ILE B 228 -14.34 12.05 10.25
CA ILE B 228 -13.52 11.12 11.01
C ILE B 228 -14.30 10.51 12.16
N ALA B 229 -14.99 11.35 12.92
CA ALA B 229 -15.85 10.91 14.02
C ALA B 229 -16.88 9.87 13.57
N ALA B 230 -17.58 10.19 12.49
CA ALA B 230 -18.60 9.29 11.94
C ALA B 230 -18.00 7.95 11.55
N PHE B 231 -16.79 8.00 11.00
CA PHE B 231 -16.08 6.79 10.58
C PHE B 231 -15.69 5.94 11.79
N LEU B 232 -15.18 6.60 12.82
CA LEU B 232 -14.71 5.92 14.02
C LEU B 232 -15.84 5.28 14.83
N LYS B 233 -17.02 5.89 14.79
CA LYS B 233 -18.16 5.39 15.53
C LYS B 233 -18.61 4.02 15.04
N SER B 234 -18.49 3.79 13.73
CA SER B 234 -18.85 2.51 13.16
C SER B 234 -17.75 1.47 13.39
N GLN B 235 -16.52 1.97 13.55
CA GLN B 235 -15.36 1.11 13.82
C GLN B 235 -15.39 0.54 15.24
N1 CTP C . -2.52 -11.03 -0.63
C2 CTP C . -1.74 -11.29 0.48
N3 CTP C . -2.30 -11.25 1.75
C4 CTP C . -3.65 -11.00 1.90
C5 CTP C . -4.42 -10.70 0.78
C6 CTP C . -3.80 -10.58 -0.46
O2 CTP C . -0.56 -11.57 0.34
N4 CTP C . -4.21 -11.03 3.10
C1' CTP C . -1.85 -10.90 -1.93
C2' CTP C . -2.45 -11.89 -2.92
O2' CTP C . -1.64 -13.03 -3.04
C3' CTP C . -2.49 -11.13 -4.23
C4' CTP C . -2.36 -9.66 -3.84
O4' CTP C . -2.04 -9.61 -2.46
O3' CTP C . -1.38 -11.49 -5.02
C5' CTP C . -3.66 -8.90 -4.05
O5' CTP C . -4.77 -9.76 -3.87
PA CTP C . -6.20 -9.08 -3.58
O1A CTP C . -7.03 -9.99 -2.72
O2A CTP C . -6.91 -8.74 -4.87
O3A CTP C . -5.74 -7.75 -2.79
PB CTP C . -6.54 -7.18 -1.51
O1B CTP C . -5.59 -6.33 -0.69
O2B CTP C . -7.13 -8.27 -0.65
O3B CTP C . -7.67 -6.25 -2.19
PG CTP C . -9.24 -6.55 -1.99
O1G CTP C . -9.48 -8.02 -2.19
O2G CTP C . -9.70 -6.11 -0.62
O3G CTP C . -10.01 -5.78 -3.04
MG MG D . -8.67 -9.97 -0.92
N1 CTP E . 2.22 11.81 0.19
C2 CTP E . 3.22 11.11 0.84
N3 CTP E . 4.48 11.00 0.26
C4 CTP E . 4.73 11.59 -0.96
C5 CTP E . 3.71 12.29 -1.61
C6 CTP E . 2.43 12.22 -1.10
O2 CTP E . 2.99 10.58 1.92
N4 CTP E . 5.94 11.51 -1.51
C1' CTP E . 0.88 11.88 0.78
C2' CTP E . 0.46 13.34 0.91
O2' CTP E . 0.43 13.73 2.25
C3' CTP E . -0.93 13.39 0.32
C4' CTP E . -1.13 12.06 -0.39
O4' CTP E . -0.04 11.23 -0.06
O3' CTP E . -1.89 13.50 1.36
C5' CTP E . -1.15 12.22 -1.90
O5' CTP E . -0.67 13.48 -2.27
PA CTP E . -0.54 13.77 -3.85
O1A CTP E . 0.70 14.58 -4.14
O2A CTP E . -1.78 14.44 -4.39
O3A CTP E . -0.41 12.25 -4.39
PB CTP E . 0.72 11.76 -5.43
O1B CTP E . 0.94 10.28 -5.25
O2B CTP E . 2.02 12.52 -5.28
O3B CTP E . 0.01 12.05 -6.85
PG CTP E . 0.68 13.03 -7.94
O1G CTP E . 0.99 14.34 -7.26
O2G CTP E . 1.93 12.41 -8.51
O3G CTP E . -0.32 13.27 -9.04
MG MG F . 2.60 14.99 -5.46
#